data_1LCB
#
_entry.id   1LCB
#
_cell.length_a   78.600
_cell.length_b   78.600
_cell.length_c   229.400
_cell.angle_alpha   90.00
_cell.angle_beta   90.00
_cell.angle_gamma   120.00
#
_symmetry.space_group_name_H-M   'P 61 2 2'
#
loop_
_entity.id
_entity.type
_entity.pdbx_description
1 polymer 'THYMIDYLATE SYNTHASE'
2 non-polymer "THYMIDINE-5'-PHOSPHATE"
3 non-polymer 'DIHYDROFOLIC ACID'
4 water water
#
_entity_poly.entity_id   1
_entity_poly.type   'polypeptide(L)'
_entity_poly.pdbx_seq_one_letter_code
;MLEQPYLDLAKKVLDEGHFKPDRTHTGTYSIFGHQMRFDLSKGFPLLTTKKVPFGLIKSELLWFLHGDTNIRFLLQHRNH
IWDEWAFEKWVKSDEYHGPDMTDFGHRSQKDPEFAAVYHEEMAKFDDRVLHDDAFAAKYGDLGLVYGSQWRAWHTSKGDT
IDQLGDVIEQIKTHPYSRRLIVSAWNPEDVPTMALPPCHTLYQFYVNDGKLSLQLYQRSADIFLGVPFNIASYALLTHLV
AHECGLEVGEFIHTFGDAHLYVNHLDQIKEQLSRTPRPAPTLQLNPDKHDIFDFDMKDIKLLNYDPYPAIKAPVAV
;
_entity_poly.pdbx_strand_id   A
#
# COMPACT_ATOMS: atom_id res chain seq x y z
N MET A 1 13.25 19.25 -0.32
CA MET A 1 11.91 19.54 -0.90
C MET A 1 11.09 18.32 -0.52
N LEU A 2 9.79 18.13 -0.81
CA LEU A 2 8.94 17.04 -0.28
C LEU A 2 9.37 15.59 -0.04
N GLU A 3 9.54 14.55 -0.90
CA GLU A 3 10.05 13.21 -0.45
C GLU A 3 11.35 13.14 0.46
N GLN A 4 12.21 14.18 0.70
CA GLN A 4 13.40 14.10 1.59
C GLN A 4 13.32 13.40 2.99
N PRO A 5 12.28 13.18 3.82
CA PRO A 5 12.40 12.26 4.96
C PRO A 5 12.65 10.76 4.65
N TYR A 6 12.18 10.32 3.47
CA TYR A 6 12.48 9.00 2.94
C TYR A 6 13.95 9.06 2.51
N LEU A 7 14.49 10.12 1.91
CA LEU A 7 15.88 10.05 1.44
C LEU A 7 16.79 10.09 2.64
N ASP A 8 16.40 10.95 3.62
CA ASP A 8 17.08 11.07 4.91
C ASP A 8 16.88 9.76 5.70
N LEU A 9 15.74 9.06 5.71
CA LEU A 9 15.53 7.76 6.36
C LEU A 9 16.27 6.57 5.75
N ALA A 10 16.54 6.55 4.46
CA ALA A 10 17.36 5.49 3.92
C ALA A 10 18.82 5.78 4.21
N LYS A 11 19.32 7.03 4.19
CA LYS A 11 20.74 7.26 4.44
C LYS A 11 21.18 6.70 5.79
N LYS A 12 20.35 7.03 6.83
CA LYS A 12 20.59 6.51 8.21
C LYS A 12 20.63 4.96 8.33
N VAL A 13 19.67 4.27 7.69
CA VAL A 13 19.75 2.83 7.66
C VAL A 13 21.05 2.23 7.02
N LEU A 14 21.75 2.62 5.94
CA LEU A 14 22.81 1.80 5.39
C LEU A 14 24.37 1.99 5.53
N ASP A 15 24.70 1.99 6.82
CA ASP A 15 26.05 1.87 7.36
C ASP A 15 25.92 1.67 8.90
N GLU A 16 24.88 2.53 9.31
CA GLU A 16 24.33 2.84 10.64
C GLU A 16 23.12 2.03 11.21
N GLY A 17 22.63 1.11 10.44
CA GLY A 17 21.56 0.26 10.92
C GLY A 17 22.34 -0.93 11.46
N HIS A 18 21.45 -1.73 11.99
CA HIS A 18 21.86 -3.01 12.48
C HIS A 18 21.22 -4.03 11.57
N PHE A 19 22.17 -4.82 11.06
CA PHE A 19 21.80 -6.04 10.42
C PHE A 19 20.80 -6.85 11.28
N LYS A 20 19.66 -7.28 10.72
CA LYS A 20 18.76 -8.12 11.49
C LYS A 20 18.16 -9.04 10.47
N PRO A 21 18.30 -10.38 10.70
CA PRO A 21 17.72 -11.41 9.85
C PRO A 21 16.18 -11.58 9.93
N ASP A 22 15.63 -11.39 8.74
CA ASP A 22 14.19 -11.56 8.52
C ASP A 22 13.77 -13.04 8.16
N ARG A 23 12.51 -13.49 8.20
CA ARG A 23 12.06 -14.82 7.59
C ARG A 23 12.58 -15.30 6.17
N THR A 24 12.47 -14.42 5.14
CA THR A 24 13.04 -14.63 3.80
C THR A 24 14.51 -15.09 3.80
N HIS A 25 15.12 -14.64 4.91
CA HIS A 25 16.49 -14.90 5.20
C HIS A 25 17.42 -14.29 4.13
N THR A 26 17.36 -12.94 4.17
CA THR A 26 18.42 -12.10 3.67
C THR A 26 18.40 -10.74 4.42
N GLY A 27 18.44 -10.94 5.75
CA GLY A 27 18.54 -9.88 6.76
C GLY A 27 17.91 -8.48 6.60
N THR A 28 18.77 -7.51 7.06
CA THR A 28 18.55 -6.04 6.99
C THR A 28 19.69 -5.14 7.52
N TYR A 29 19.44 -3.87 7.40
CA TYR A 29 20.10 -2.85 8.17
C TYR A 29 18.83 -2.17 8.62
N SER A 30 18.53 -2.20 9.92
CA SER A 30 17.35 -1.50 10.42
C SER A 30 17.55 -0.51 11.57
N ILE A 31 16.45 0.21 11.80
CA ILE A 31 16.21 1.02 12.96
C ILE A 31 14.90 0.42 13.45
N PHE A 32 14.34 1.11 14.44
CA PHE A 32 13.03 0.86 14.98
C PHE A 32 12.88 2.14 15.79
N GLY A 33 11.76 2.82 15.54
CA GLY A 33 11.59 4.16 16.03
C GLY A 33 12.00 5.16 14.94
N HIS A 34 10.95 5.63 14.31
CA HIS A 34 11.00 6.52 13.22
C HIS A 34 9.63 7.09 12.97
N GLN A 35 9.81 8.40 12.77
CA GLN A 35 8.66 9.25 12.52
C GLN A 35 9.17 10.37 11.66
N MET A 36 8.32 10.42 10.62
CA MET A 36 8.48 11.10 9.35
C MET A 36 7.34 12.04 8.93
N ARG A 37 7.57 13.33 8.55
CA ARG A 37 6.47 14.16 8.02
C ARG A 37 6.59 14.84 6.64
N PHE A 38 5.39 14.96 6.04
CA PHE A 38 5.10 15.54 4.72
C PHE A 38 3.96 16.55 4.90
N ASP A 39 3.95 17.69 4.13
CA ASP A 39 2.96 18.82 4.15
C ASP A 39 2.47 19.00 2.70
N LEU A 40 1.26 18.56 2.56
CA LEU A 40 0.76 18.33 1.23
C LEU A 40 0.27 19.56 0.37
N SER A 41 0.53 20.77 0.81
CA SER A 41 0.25 22.03 0.13
C SER A 41 1.52 22.34 -0.66
N LYS A 42 2.69 21.77 -0.24
CA LYS A 42 3.88 21.79 -1.04
C LYS A 42 3.86 20.53 -1.97
N GLY A 43 2.64 20.18 -2.39
CA GLY A 43 2.22 19.09 -3.24
C GLY A 43 2.43 17.70 -2.67
N PHE A 44 2.63 16.83 -3.61
CA PHE A 44 2.73 15.41 -3.41
C PHE A 44 4.10 14.87 -3.15
N PRO A 45 4.29 14.15 -1.99
CA PRO A 45 5.52 13.43 -1.60
C PRO A 45 5.92 12.14 -2.36
N LEU A 46 5.58 12.26 -3.67
CA LEU A 46 5.82 11.28 -4.71
C LEU A 46 7.29 11.48 -5.18
N LEU A 47 8.06 10.36 -5.21
CA LEU A 47 9.53 10.25 -5.41
C LEU A 47 10.25 10.53 -6.72
N THR A 48 10.59 11.79 -6.92
CA THR A 48 11.33 12.16 -8.11
C THR A 48 12.78 11.58 -8.22
N THR A 49 13.53 11.20 -7.18
CA THR A 49 14.81 10.56 -7.33
C THR A 49 14.87 9.20 -8.09
N LYS A 50 13.84 8.32 -8.05
CA LYS A 50 13.74 7.16 -8.93
C LYS A 50 12.35 7.30 -9.59
N LYS A 51 11.65 6.31 -10.14
CA LYS A 51 10.27 6.48 -10.56
C LYS A 51 9.57 5.40 -9.79
N VAL A 52 8.54 6.00 -9.19
CA VAL A 52 7.51 5.32 -8.38
C VAL A 52 6.37 5.36 -9.36
N PRO A 53 5.52 4.38 -9.65
CA PRO A 53 4.31 4.68 -10.43
C PRO A 53 3.01 4.93 -9.65
N PHE A 54 2.35 6.02 -10.03
CA PHE A 54 1.13 6.52 -9.37
C PHE A 54 -0.19 5.81 -9.70
N GLY A 55 -0.42 5.44 -10.98
CA GLY A 55 -1.66 4.81 -11.47
C GLY A 55 -2.17 3.68 -10.59
N LEU A 56 -1.16 2.84 -10.40
CA LEU A 56 -1.13 1.64 -9.60
C LEU A 56 -1.07 1.74 -8.04
N ILE A 57 -1.02 2.96 -7.50
CA ILE A 57 -1.14 3.30 -6.10
C ILE A 57 -2.60 3.68 -6.11
N LYS A 58 -2.98 4.58 -7.05
CA LYS A 58 -4.30 5.15 -7.16
C LYS A 58 -5.25 4.01 -7.39
N SER A 59 -4.89 2.95 -8.13
CA SER A 59 -5.94 1.99 -8.35
C SER A 59 -6.12 1.23 -7.05
N GLU A 60 -4.98 0.75 -6.47
CA GLU A 60 -4.93 0.01 -5.19
C GLU A 60 -5.90 0.48 -4.11
N LEU A 61 -5.88 1.81 -4.04
CA LEU A 61 -6.51 2.59 -3.03
C LEU A 61 -7.98 2.53 -2.99
N LEU A 62 -8.53 2.93 -4.13
CA LEU A 62 -9.98 2.98 -4.31
C LEU A 62 -10.57 1.63 -4.04
N TRP A 63 -9.87 0.58 -4.50
CA TRP A 63 -10.21 -0.79 -4.25
C TRP A 63 -10.48 -0.91 -2.76
N PHE A 64 -9.48 -0.60 -1.89
CA PHE A 64 -9.67 -0.59 -0.41
C PHE A 64 -10.88 0.29 0.04
N LEU A 65 -10.95 1.59 -0.29
CA LEU A 65 -12.08 2.48 -0.06
C LEU A 65 -13.43 2.01 -0.67
N HIS A 66 -13.60 0.94 -1.51
CA HIS A 66 -14.91 0.44 -1.98
C HIS A 66 -15.51 -0.73 -1.23
N GLY A 67 -14.78 -1.09 -0.20
CA GLY A 67 -15.05 -2.19 0.70
C GLY A 67 -14.86 -3.56 0.09
N ASP A 68 -14.00 -3.53 -0.92
CA ASP A 68 -13.70 -4.65 -1.79
C ASP A 68 -12.40 -5.34 -1.39
N THR A 69 -12.37 -6.54 -1.98
CA THR A 69 -11.40 -7.61 -1.73
C THR A 69 -11.17 -8.62 -2.93
N ASN A 70 -11.94 -8.33 -4.00
CA ASN A 70 -11.83 -9.15 -5.16
C ASN A 70 -10.91 -8.56 -6.22
N ILE A 71 -9.69 -9.15 -6.23
CA ILE A 71 -8.57 -9.01 -7.16
C ILE A 71 -9.07 -8.88 -8.60
N ARG A 72 -10.17 -9.58 -8.91
CA ARG A 72 -10.95 -9.42 -10.13
C ARG A 72 -10.87 -7.98 -10.63
N PHE A 73 -11.35 -7.02 -9.87
CA PHE A 73 -11.21 -5.61 -10.09
C PHE A 73 -9.76 -5.14 -10.25
N LEU A 74 -8.76 -5.50 -9.41
CA LEU A 74 -7.42 -4.92 -9.55
C LEU A 74 -6.95 -5.21 -10.94
N LEU A 75 -7.31 -6.40 -11.45
CA LEU A 75 -6.97 -6.80 -12.78
C LEU A 75 -7.60 -5.79 -13.76
N GLN A 76 -8.91 -5.51 -13.72
CA GLN A 76 -9.61 -4.57 -14.64
C GLN A 76 -8.97 -3.23 -14.71
N HIS A 77 -8.59 -2.70 -13.57
CA HIS A 77 -7.95 -1.41 -13.60
C HIS A 77 -6.44 -1.52 -13.85
N ARG A 78 -6.08 -2.65 -14.55
CA ARG A 78 -4.78 -3.10 -15.02
C ARG A 78 -3.75 -3.34 -13.88
N ASN A 79 -4.17 -3.75 -12.69
CA ASN A 79 -3.33 -3.87 -11.49
C ASN A 79 -3.16 -5.34 -11.14
N HIS A 80 -1.99 -5.71 -10.56
CA HIS A 80 -1.72 -7.14 -10.26
C HIS A 80 -0.82 -7.37 -9.08
N ILE A 81 -0.56 -6.24 -8.38
CA ILE A 81 0.12 -6.20 -7.06
C ILE A 81 -0.35 -7.29 -6.08
N TRP A 82 -1.63 -7.43 -5.79
CA TRP A 82 -2.13 -8.37 -4.78
C TRP A 82 -2.41 -9.72 -5.43
N ASP A 83 -1.66 -10.24 -6.44
CA ASP A 83 -2.08 -11.42 -7.25
C ASP A 83 -1.94 -12.88 -6.78
N GLU A 84 -0.63 -12.99 -6.47
CA GLU A 84 0.10 -14.09 -5.87
C GLU A 84 -0.55 -14.54 -4.55
N TRP A 85 -1.35 -13.74 -3.78
CA TRP A 85 -2.06 -14.35 -2.63
C TRP A 85 -3.20 -15.29 -2.99
N ALA A 86 -3.95 -14.88 -4.04
CA ALA A 86 -5.00 -15.67 -4.68
C ALA A 86 -4.41 -16.87 -5.51
N PHE A 87 -3.09 -16.87 -5.75
CA PHE A 87 -2.41 -17.88 -6.56
C PHE A 87 -1.83 -19.05 -5.73
N GLU A 88 -1.16 -18.61 -4.63
CA GLU A 88 -0.81 -19.36 -3.40
C GLU A 88 -2.17 -20.09 -3.14
N LYS A 89 -3.36 -19.41 -3.01
CA LYS A 89 -4.63 -20.18 -3.07
C LYS A 89 -4.73 -21.08 -4.31
N TRP A 90 -5.03 -20.69 -5.55
CA TRP A 90 -5.18 -21.66 -6.67
C TRP A 90 -4.08 -22.67 -7.06
N VAL A 91 -2.95 -22.90 -6.38
CA VAL A 91 -1.93 -23.91 -6.80
C VAL A 91 -1.62 -25.00 -5.79
N LYS A 92 -2.16 -24.62 -4.62
CA LYS A 92 -2.44 -25.50 -3.50
C LYS A 92 -3.97 -25.85 -3.66
N SER A 93 -4.74 -25.22 -4.63
CA SER A 93 -6.19 -25.38 -4.98
C SER A 93 -6.77 -26.77 -4.81
N ASP A 94 -8.03 -26.87 -4.32
CA ASP A 94 -8.84 -28.11 -4.48
C ASP A 94 -9.10 -28.37 -6.00
N GLU A 95 -9.43 -27.30 -6.75
CA GLU A 95 -9.82 -27.43 -8.17
C GLU A 95 -9.08 -26.59 -9.30
N TYR A 96 -7.72 -26.88 -9.20
CA TYR A 96 -6.60 -26.59 -10.15
C TYR A 96 -5.82 -27.92 -10.04
N HIS A 97 -6.61 -28.98 -10.25
CA HIS A 97 -6.03 -30.34 -10.17
C HIS A 97 -5.08 -30.61 -11.40
N GLY A 98 -3.76 -30.46 -11.21
CA GLY A 98 -2.69 -30.77 -12.22
C GLY A 98 -1.35 -30.02 -12.00
N PRO A 99 -1.00 -29.01 -12.86
CA PRO A 99 0.35 -28.39 -13.05
C PRO A 99 0.95 -27.42 -12.01
N ASP A 100 1.08 -27.89 -10.76
CA ASP A 100 1.57 -27.13 -9.58
C ASP A 100 2.69 -26.03 -9.58
N MET A 101 2.47 -24.98 -8.78
CA MET A 101 3.47 -23.92 -8.56
C MET A 101 4.10 -23.89 -7.18
N THR A 102 4.29 -25.07 -6.58
CA THR A 102 4.94 -25.18 -5.26
C THR A 102 6.22 -24.28 -5.00
N ASP A 103 6.37 -23.63 -3.79
CA ASP A 103 7.41 -22.59 -3.52
C ASP A 103 7.57 -21.42 -4.59
N PHE A 104 6.65 -21.11 -5.58
CA PHE A 104 6.97 -20.15 -6.66
C PHE A 104 7.61 -18.75 -6.40
N GLY A 105 7.36 -17.84 -5.44
CA GLY A 105 8.16 -16.59 -5.25
C GLY A 105 9.69 -16.69 -4.86
N HIS A 106 10.14 -17.33 -3.71
CA HIS A 106 11.59 -17.61 -3.38
C HIS A 106 12.28 -18.61 -4.37
N ARG A 107 11.62 -18.98 -5.49
CA ARG A 107 12.17 -19.73 -6.62
C ARG A 107 11.97 -19.05 -8.03
N SER A 108 11.37 -17.84 -8.04
CA SER A 108 11.48 -16.80 -9.06
C SER A 108 12.94 -16.30 -8.66
N GLN A 109 13.97 -16.17 -9.54
CA GLN A 109 15.44 -15.95 -9.31
C GLN A 109 16.08 -17.26 -9.93
N LYS A 110 15.57 -18.41 -9.40
CA LYS A 110 15.84 -19.82 -9.78
C LYS A 110 15.16 -20.30 -11.08
N ASP A 111 14.04 -19.67 -11.56
CA ASP A 111 13.25 -19.93 -12.78
C ASP A 111 12.57 -21.31 -12.98
N PRO A 112 13.12 -22.43 -13.49
CA PRO A 112 12.81 -22.91 -14.86
C PRO A 112 11.32 -23.33 -15.15
N GLU A 113 10.51 -23.86 -14.25
CA GLU A 113 9.07 -24.09 -14.49
C GLU A 113 8.20 -22.94 -13.94
N PHE A 114 8.85 -22.05 -13.14
CA PHE A 114 8.22 -20.88 -12.55
C PHE A 114 8.51 -19.66 -13.43
N ALA A 115 9.65 -19.80 -14.17
CA ALA A 115 10.23 -18.78 -15.05
C ALA A 115 9.23 -17.84 -15.82
N ALA A 116 8.78 -18.45 -16.89
CA ALA A 116 7.62 -17.90 -17.48
C ALA A 116 6.41 -18.60 -16.83
N VAL A 117 6.42 -19.97 -17.04
CA VAL A 117 5.25 -20.82 -16.87
C VAL A 117 4.46 -20.60 -15.57
N TYR A 118 5.10 -20.49 -14.36
CA TYR A 118 4.37 -20.00 -13.21
C TYR A 118 3.87 -18.58 -13.61
N HIS A 119 4.59 -17.47 -13.90
CA HIS A 119 3.98 -16.17 -14.23
C HIS A 119 2.73 -16.22 -15.21
N GLU A 120 2.64 -17.32 -15.98
CA GLU A 120 1.60 -17.58 -16.93
C GLU A 120 0.73 -18.78 -16.58
N GLU A 121 0.98 -19.38 -15.41
CA GLU A 121 0.01 -20.23 -14.73
C GLU A 121 -0.90 -19.19 -14.13
N MET A 122 -0.24 -18.15 -13.61
CA MET A 122 -0.77 -16.97 -12.90
C MET A 122 -1.70 -16.14 -13.70
N ALA A 123 -1.25 -15.47 -14.78
CA ALA A 123 -2.14 -14.75 -15.70
C ALA A 123 -3.37 -15.55 -16.17
N LYS A 124 -3.30 -16.91 -16.29
CA LYS A 124 -4.40 -17.75 -16.79
C LYS A 124 -5.42 -17.86 -15.62
N PHE A 125 -4.96 -18.14 -14.34
CA PHE A 125 -5.78 -18.03 -13.11
C PHE A 125 -6.67 -16.78 -13.10
N ASP A 126 -5.89 -15.75 -13.51
CA ASP A 126 -6.34 -14.40 -13.63
C ASP A 126 -7.51 -14.20 -14.58
N ASP A 127 -7.54 -14.88 -15.74
CA ASP A 127 -8.62 -14.57 -16.66
C ASP A 127 -9.95 -15.14 -16.14
N ARG A 128 -9.87 -16.31 -15.47
CA ARG A 128 -11.07 -16.90 -14.92
C ARG A 128 -11.58 -15.98 -13.78
N VAL A 129 -10.67 -15.36 -12.99
CA VAL A 129 -10.90 -14.19 -12.07
C VAL A 129 -11.65 -13.03 -12.78
N LEU A 130 -11.52 -12.86 -14.11
CA LEU A 130 -12.13 -11.85 -14.96
C LEU A 130 -13.34 -12.35 -15.74
N HIS A 131 -13.67 -13.64 -15.91
CA HIS A 131 -14.78 -14.02 -16.81
C HIS A 131 -15.71 -15.08 -16.20
N ASP A 132 -15.10 -16.06 -15.52
CA ASP A 132 -15.92 -17.00 -14.78
C ASP A 132 -15.91 -16.29 -13.40
N ASP A 133 -16.91 -15.39 -13.16
CA ASP A 133 -16.99 -14.62 -11.90
C ASP A 133 -17.11 -15.58 -10.71
N ALA A 134 -17.43 -16.88 -11.03
CA ALA A 134 -17.48 -17.94 -10.04
C ALA A 134 -16.09 -18.06 -9.41
N PHE A 135 -15.05 -17.80 -10.24
CA PHE A 135 -13.60 -17.68 -10.02
C PHE A 135 -13.11 -16.30 -9.58
N ALA A 136 -13.71 -15.18 -9.98
CA ALA A 136 -13.43 -13.94 -9.26
C ALA A 136 -13.87 -14.16 -7.79
N ALA A 137 -15.21 -14.34 -7.62
CA ALA A 137 -15.89 -14.62 -6.33
C ALA A 137 -15.09 -15.53 -5.50
N LYS A 138 -14.98 -16.80 -5.90
CA LYS A 138 -14.31 -17.85 -5.12
C LYS A 138 -12.78 -18.00 -5.32
N TYR A 139 -12.15 -16.99 -5.96
CA TYR A 139 -10.68 -17.06 -5.98
C TYR A 139 -9.88 -15.81 -5.89
N GLY A 140 -10.34 -14.76 -6.58
CA GLY A 140 -9.68 -13.48 -6.52
C GLY A 140 -9.83 -12.73 -5.18
N ASP A 141 -10.67 -13.26 -4.28
CA ASP A 141 -11.05 -12.69 -2.99
C ASP A 141 -10.30 -13.21 -1.72
N LEU A 142 -9.44 -12.24 -1.36
CA LEU A 142 -8.48 -12.41 -0.27
C LEU A 142 -9.08 -12.31 1.11
N GLY A 143 -10.33 -11.81 1.18
CA GLY A 143 -11.17 -11.70 2.35
C GLY A 143 -10.82 -10.53 3.26
N LEU A 144 -9.95 -10.85 4.22
CA LEU A 144 -9.52 -9.88 5.20
C LEU A 144 -8.32 -9.07 4.62
N VAL A 145 -8.74 -8.08 3.83
CA VAL A 145 -7.77 -7.16 3.34
C VAL A 145 -8.24 -5.80 3.91
N TYR A 146 -7.47 -4.72 3.65
CA TYR A 146 -7.77 -3.42 4.17
C TYR A 146 -9.19 -2.96 3.86
N GLY A 147 -9.75 -3.14 2.68
CA GLY A 147 -11.15 -2.77 2.45
C GLY A 147 -12.14 -3.49 3.38
N SER A 148 -11.85 -4.71 3.95
CA SER A 148 -12.76 -5.37 4.86
C SER A 148 -12.26 -5.04 6.25
N GLN A 149 -11.03 -4.53 6.42
CA GLN A 149 -10.68 -4.10 7.77
C GLN A 149 -11.14 -2.65 7.88
N TRP A 150 -11.11 -1.82 6.84
CA TRP A 150 -11.46 -0.45 7.03
C TRP A 150 -12.96 -0.41 6.84
N ARG A 151 -13.63 -1.16 5.92
CA ARG A 151 -15.08 -1.00 5.78
C ARG A 151 -15.99 -2.18 6.08
N ALA A 152 -15.37 -3.22 6.60
CA ALA A 152 -16.18 -4.34 6.92
C ALA A 152 -15.82 -5.21 8.10
N TRP A 153 -15.44 -4.59 9.23
CA TRP A 153 -15.01 -5.33 10.41
C TRP A 153 -16.02 -6.43 10.85
N HIS A 154 -15.56 -7.68 11.08
CA HIS A 154 -16.41 -8.80 11.49
C HIS A 154 -16.08 -9.01 12.95
N THR A 155 -17.27 -8.62 13.38
CA THR A 155 -17.69 -8.34 14.73
C THR A 155 -17.96 -9.62 15.51
N SER A 156 -18.10 -9.49 16.83
CA SER A 156 -18.41 -10.64 17.66
C SER A 156 -19.81 -11.22 17.44
N LYS A 157 -20.47 -10.79 16.35
CA LYS A 157 -21.86 -11.03 16.02
C LYS A 157 -22.10 -11.15 14.50
N GLY A 158 -21.28 -11.94 13.75
CA GLY A 158 -21.54 -12.30 12.33
C GLY A 158 -21.37 -11.24 11.21
N ASP A 159 -22.03 -10.02 11.40
CA ASP A 159 -21.95 -8.84 10.47
C ASP A 159 -20.69 -7.90 10.36
N THR A 160 -20.91 -6.65 9.91
CA THR A 160 -19.86 -5.69 9.58
C THR A 160 -20.02 -4.27 10.23
N ILE A 161 -18.96 -3.67 10.74
CA ILE A 161 -18.99 -2.22 11.04
C ILE A 161 -18.04 -1.55 9.99
N ASP A 162 -18.52 -0.42 9.44
CA ASP A 162 -17.71 0.32 8.51
C ASP A 162 -16.95 1.43 9.22
N GLN A 163 -15.69 1.07 9.34
CA GLN A 163 -14.81 2.02 10.00
C GLN A 163 -14.21 3.24 9.24
N LEU A 164 -13.82 3.31 7.92
CA LEU A 164 -13.34 4.59 7.35
C LEU A 164 -14.53 5.57 7.17
N GLY A 165 -15.78 5.06 7.00
CA GLY A 165 -17.02 5.86 7.04
C GLY A 165 -17.21 6.59 8.38
N ASP A 166 -16.97 6.06 9.61
CA ASP A 166 -16.97 6.97 10.78
C ASP A 166 -15.79 7.98 10.89
N VAL A 167 -14.59 7.74 10.30
CA VAL A 167 -13.54 8.77 10.17
C VAL A 167 -14.20 9.94 9.44
N ILE A 168 -14.93 9.61 8.36
CA ILE A 168 -15.51 10.61 7.50
C ILE A 168 -16.68 11.39 8.05
N GLU A 169 -17.50 10.80 8.90
CA GLU A 169 -18.62 11.50 9.48
C GLU A 169 -18.17 12.00 10.88
N GLN A 170 -17.18 11.44 11.58
CA GLN A 170 -16.83 12.03 12.86
C GLN A 170 -15.95 13.27 12.58
N ILE A 171 -15.05 13.26 11.62
CA ILE A 171 -14.19 14.42 11.21
C ILE A 171 -15.09 15.67 11.02
N LYS A 172 -16.24 15.22 10.49
CA LYS A 172 -17.34 16.04 10.14
C LYS A 172 -18.28 16.34 11.32
N THR A 173 -18.68 15.50 12.26
CA THR A 173 -19.69 15.89 13.24
C THR A 173 -18.94 16.61 14.36
N HIS A 174 -17.93 15.97 15.03
CA HIS A 174 -17.14 16.65 16.07
C HIS A 174 -15.68 17.11 15.74
N PRO A 175 -15.22 17.52 14.54
CA PRO A 175 -13.80 17.81 14.16
C PRO A 175 -12.49 17.55 14.92
N TYR A 176 -12.37 18.09 16.10
CA TYR A 176 -11.07 17.98 16.72
C TYR A 176 -11.02 16.95 17.89
N SER A 177 -11.80 15.89 17.57
CA SER A 177 -11.99 14.65 18.30
C SER A 177 -10.63 13.95 18.17
N ARG A 178 -10.09 13.71 19.42
CA ARG A 178 -8.75 13.09 19.71
C ARG A 178 -8.80 11.62 19.32
N ARG A 179 -10.01 11.06 19.23
CA ARG A 179 -10.16 9.67 18.83
C ARG A 179 -10.81 9.69 17.42
N LEU A 180 -10.07 9.27 16.39
CA LEU A 180 -10.37 9.42 14.95
C LEU A 180 -9.43 8.40 14.25
N ILE A 181 -9.38 7.17 14.72
CA ILE A 181 -8.43 6.21 14.22
C ILE A 181 -9.29 5.07 13.77
N VAL A 182 -8.62 4.48 12.81
CA VAL A 182 -9.01 3.21 12.24
C VAL A 182 -7.85 2.22 12.48
N SER A 183 -8.19 1.09 13.11
CA SER A 183 -7.23 0.00 13.21
C SER A 183 -7.90 -1.03 12.32
N ALA A 184 -6.92 -1.75 11.73
CA ALA A 184 -6.91 -2.84 10.74
C ALA A 184 -6.25 -4.09 11.33
N TRP A 185 -5.33 -3.92 12.29
CA TRP A 185 -4.98 -5.01 13.25
C TRP A 185 -6.28 -5.43 13.97
N ASN A 186 -6.57 -6.72 13.71
CA ASN A 186 -7.70 -7.54 14.25
C ASN A 186 -7.14 -8.75 15.00
N PRO A 187 -7.08 -8.74 16.36
CA PRO A 187 -6.17 -9.59 17.14
C PRO A 187 -6.26 -11.05 16.73
N GLU A 188 -7.54 -11.41 16.56
CA GLU A 188 -8.00 -12.78 16.52
C GLU A 188 -8.06 -13.59 15.25
N ASP A 189 -7.29 -12.94 14.35
CA ASP A 189 -7.14 -13.20 12.93
C ASP A 189 -5.63 -13.09 12.54
N VAL A 190 -4.67 -12.56 13.36
CA VAL A 190 -3.25 -12.46 12.98
C VAL A 190 -2.45 -13.79 12.77
N PRO A 191 -2.75 -14.85 13.53
CA PRO A 191 -2.12 -16.16 13.37
C PRO A 191 -2.43 -17.12 12.17
N THR A 192 -3.74 -17.26 11.87
CA THR A 192 -4.18 -17.99 10.64
C THR A 192 -3.74 -17.24 9.36
N MET A 193 -3.29 -15.94 9.47
CA MET A 193 -2.82 -15.07 8.42
C MET A 193 -1.36 -15.29 7.93
N ALA A 194 -1.17 -14.73 6.65
CA ALA A 194 -0.03 -14.79 5.68
C ALA A 194 1.05 -13.65 5.58
N LEU A 195 0.41 -12.53 5.86
CA LEU A 195 0.93 -11.21 6.13
C LEU A 195 -0.28 -10.78 6.96
N PRO A 196 -0.23 -10.60 8.30
CA PRO A 196 -1.02 -9.57 8.93
C PRO A 196 -0.62 -8.16 8.38
N PRO A 197 -1.67 -7.29 8.35
CA PRO A 197 -1.56 -5.87 8.04
C PRO A 197 -0.37 -5.04 8.52
N CYS A 198 0.61 -4.77 7.60
CA CYS A 198 1.74 -3.85 7.79
C CYS A 198 1.27 -2.47 8.28
N HIS A 199 0.11 -2.04 7.76
CA HIS A 199 -0.39 -0.70 8.04
C HIS A 199 -1.66 -0.87 8.79
N THR A 200 -1.16 -0.91 10.04
CA THR A 200 -1.87 -1.28 11.23
C THR A 200 -2.88 -0.20 11.50
N LEU A 201 -2.48 1.03 11.84
CA LEU A 201 -3.47 2.01 12.19
C LEU A 201 -2.93 3.37 11.94
N TYR A 202 -3.93 4.11 11.54
CA TYR A 202 -3.70 5.43 11.13
C TYR A 202 -4.66 6.35 11.88
N GLN A 203 -4.08 7.45 12.43
CA GLN A 203 -4.83 8.49 13.17
C GLN A 203 -5.10 9.85 12.49
N PHE A 204 -6.34 10.20 12.61
CA PHE A 204 -6.79 11.46 12.09
C PHE A 204 -6.93 12.47 13.16
N TYR A 205 -6.76 13.57 12.49
CA TYR A 205 -6.88 14.87 13.09
C TYR A 205 -7.58 15.69 12.00
N VAL A 206 -8.06 16.78 12.52
CA VAL A 206 -8.69 17.91 11.87
C VAL A 206 -8.05 18.97 12.79
N ASN A 207 -6.92 19.44 12.27
CA ASN A 207 -6.16 20.56 12.79
C ASN A 207 -6.83 21.94 12.87
N ASP A 208 -7.18 22.60 11.78
CA ASP A 208 -7.95 23.86 11.76
C ASP A 208 -8.06 24.14 10.26
N GLY A 209 -9.03 23.38 9.77
CA GLY A 209 -9.16 23.13 8.37
C GLY A 209 -8.14 22.03 8.02
N LYS A 210 -6.86 22.05 8.44
CA LYS A 210 -5.91 21.08 7.92
C LYS A 210 -6.20 19.62 8.31
N LEU A 211 -6.54 18.82 7.33
CA LEU A 211 -6.61 17.43 7.73
C LEU A 211 -5.17 16.89 7.70
N SER A 212 -4.76 16.33 8.83
CA SER A 212 -3.47 15.75 9.09
C SER A 212 -3.61 14.23 9.39
N LEU A 213 -2.71 13.43 8.80
CA LEU A 213 -2.68 11.93 8.88
C LEU A 213 -1.33 11.51 9.47
N GLN A 214 -1.27 10.29 10.04
CA GLN A 214 -0.11 9.64 10.58
C GLN A 214 -0.45 8.14 10.44
N LEU A 215 0.44 7.41 9.75
CA LEU A 215 0.28 5.95 9.57
C LEU A 215 1.14 5.09 10.51
N TYR A 216 0.71 3.93 11.03
CA TYR A 216 1.61 3.13 11.86
C TYR A 216 1.75 1.83 11.15
N GLN A 217 2.94 1.87 10.67
CA GLN A 217 3.50 0.84 9.86
C GLN A 217 4.44 0.29 10.93
N ARG A 218 4.33 -0.97 11.16
CA ARG A 218 5.16 -1.74 12.04
C ARG A 218 6.30 -2.28 11.18
N SER A 219 6.01 -2.84 10.03
CA SER A 219 7.00 -3.30 9.10
C SER A 219 6.85 -2.29 7.99
N ALA A 220 8.01 -2.22 7.32
CA ALA A 220 8.39 -1.25 6.33
C ALA A 220 9.69 -1.56 5.59
N ASP A 221 9.65 -1.67 4.28
CA ASP A 221 10.83 -1.83 3.50
C ASP A 221 11.35 -0.61 2.71
N ILE A 222 12.40 0.09 3.14
CA ILE A 222 12.91 1.13 2.27
C ILE A 222 13.78 0.58 1.17
N PHE A 223 12.93 0.77 0.18
CA PHE A 223 13.27 0.70 -1.20
C PHE A 223 12.02 0.35 -1.94
N LEU A 224 11.61 -0.89 -2.22
CA LEU A 224 10.42 -1.05 -2.99
C LEU A 224 9.22 -0.54 -2.16
N GLY A 225 9.21 -1.25 -1.01
CA GLY A 225 8.28 -1.11 0.11
C GLY A 225 7.67 0.24 0.50
N VAL A 226 8.44 1.10 1.16
CA VAL A 226 8.02 2.44 1.61
C VAL A 226 7.67 3.47 0.55
N PRO A 227 8.23 3.64 -0.65
CA PRO A 227 7.69 4.55 -1.68
C PRO A 227 6.18 4.55 -2.05
N PHE A 228 5.54 3.41 -1.90
CA PHE A 228 4.12 3.29 -2.15
C PHE A 228 3.31 3.53 -0.88
N ASN A 229 4.05 3.58 0.24
CA ASN A 229 3.37 3.72 1.51
C ASN A 229 3.33 5.13 2.05
N ILE A 230 4.09 5.99 1.28
CA ILE A 230 4.03 7.44 1.53
C ILE A 230 2.82 7.99 0.72
N ALA A 231 2.79 7.44 -0.51
CA ALA A 231 1.85 7.97 -1.46
C ALA A 231 0.43 7.43 -1.49
N SER A 232 0.06 6.24 -0.96
CA SER A 232 -1.34 5.82 -0.80
C SER A 232 -1.85 6.65 0.38
N TYR A 233 -1.29 6.64 1.61
CA TYR A 233 -1.82 7.37 2.76
C TYR A 233 -1.67 8.94 2.73
N ALA A 234 -0.95 9.60 1.79
CA ALA A 234 -0.99 11.07 1.63
C ALA A 234 -2.16 11.34 0.67
N LEU A 235 -2.37 10.40 -0.28
CA LEU A 235 -3.53 10.58 -1.13
C LEU A 235 -4.86 10.46 -0.32
N LEU A 236 -4.88 9.67 0.75
CA LEU A 236 -5.98 9.57 1.72
C LEU A 236 -6.28 10.92 2.46
N THR A 237 -5.24 11.69 2.78
CA THR A 237 -5.30 12.98 3.46
C THR A 237 -6.01 13.98 2.52
N HIS A 238 -5.65 13.95 1.22
CA HIS A 238 -6.24 14.78 0.15
C HIS A 238 -7.73 14.54 -0.12
N LEU A 239 -8.01 13.22 -0.33
CA LEU A 239 -9.34 12.62 -0.50
C LEU A 239 -10.18 12.97 0.71
N VAL A 240 -9.86 12.46 1.91
CA VAL A 240 -10.55 12.80 3.17
C VAL A 240 -10.62 14.34 3.49
N ALA A 241 -9.53 15.15 3.43
CA ALA A 241 -9.60 16.61 3.61
C ALA A 241 -10.67 17.18 2.67
N HIS A 242 -10.63 16.66 1.44
CA HIS A 242 -11.63 17.13 0.50
C HIS A 242 -13.01 16.56 0.95
N GLU A 243 -13.27 15.25 1.20
CA GLU A 243 -14.54 14.75 1.68
C GLU A 243 -15.27 15.60 2.76
N CYS A 244 -14.65 16.32 3.72
CA CYS A 244 -15.50 17.08 4.65
C CYS A 244 -15.19 18.60 4.54
N GLY A 245 -14.77 18.99 3.33
CA GLY A 245 -14.50 20.39 2.99
C GLY A 245 -13.56 21.14 3.95
N LEU A 246 -12.46 20.42 4.21
CA LEU A 246 -11.35 20.76 5.08
C LEU A 246 -10.13 20.86 4.12
N GLU A 247 -8.97 21.40 4.51
CA GLU A 247 -7.85 21.40 3.54
C GLU A 247 -6.49 21.00 4.09
N VAL A 248 -6.10 19.85 3.57
CA VAL A 248 -4.81 19.23 3.75
C VAL A 248 -3.73 20.05 4.46
N GLY A 249 -3.29 19.48 5.58
CA GLY A 249 -2.23 19.99 6.33
C GLY A 249 -1.20 18.89 6.05
N GLU A 250 -1.04 17.89 6.95
CA GLU A 250 0.11 17.01 6.76
C GLU A 250 0.01 15.56 7.22
N PHE A 251 0.80 14.72 6.51
CA PHE A 251 0.78 13.25 6.66
C PHE A 251 2.13 13.01 7.29
N ILE A 252 2.10 12.13 8.29
CA ILE A 252 3.17 11.77 9.22
C ILE A 252 3.34 10.22 9.15
N HIS A 253 4.40 9.57 9.61
CA HIS A 253 4.58 8.20 9.22
C HIS A 253 5.34 7.53 10.32
N THR A 254 4.64 6.73 11.07
CA THR A 254 5.29 6.03 12.13
C THR A 254 5.45 4.62 11.69
N PHE A 255 6.68 4.40 12.04
CA PHE A 255 7.33 3.17 11.78
C PHE A 255 7.58 2.34 13.00
N GLY A 256 7.69 1.07 12.58
CA GLY A 256 8.24 0.09 13.46
C GLY A 256 9.68 -0.05 12.95
N ASP A 257 9.87 -1.41 12.77
CA ASP A 257 11.05 -1.99 12.16
C ASP A 257 11.21 -1.37 10.76
N ALA A 258 11.79 -0.16 10.74
CA ALA A 258 12.15 0.60 9.55
C ALA A 258 13.30 -0.15 8.84
N HIS A 259 13.20 -0.60 7.58
CA HIS A 259 14.25 -1.50 7.14
C HIS A 259 14.66 -1.46 5.74
N LEU A 260 15.95 -1.62 5.62
CA LEU A 260 16.44 -1.71 4.31
C LEU A 260 17.19 -2.97 4.32
N TYR A 261 16.29 -3.83 3.89
CA TYR A 261 16.55 -5.20 3.45
C TYR A 261 17.91 -5.20 2.71
N VAL A 262 18.97 -5.70 3.36
CA VAL A 262 20.37 -5.92 2.87
C VAL A 262 20.62 -6.24 1.35
N ASN A 263 19.59 -6.86 0.76
CA ASN A 263 19.56 -7.43 -0.59
C ASN A 263 19.61 -6.31 -1.65
N HIS A 264 18.91 -5.19 -1.36
CA HIS A 264 18.87 -4.03 -2.23
C HIS A 264 19.51 -2.78 -1.57
N LEU A 265 20.80 -3.06 -1.29
CA LEU A 265 21.69 -2.11 -0.72
C LEU A 265 22.29 -1.06 -1.65
N ASP A 266 22.70 -1.51 -2.84
CA ASP A 266 23.39 -0.69 -3.83
C ASP A 266 22.42 0.08 -4.79
N GLN A 267 21.09 -0.25 -4.95
CA GLN A 267 20.10 0.55 -5.73
C GLN A 267 19.55 1.70 -4.89
N ILE A 268 19.53 1.58 -3.54
CA ILE A 268 19.21 2.73 -2.65
C ILE A 268 20.42 3.66 -2.68
N LYS A 269 21.66 3.14 -2.60
CA LYS A 269 22.82 4.03 -2.72
C LYS A 269 22.80 4.90 -4.04
N GLU A 270 22.55 4.19 -5.19
CA GLU A 270 22.06 4.68 -6.52
C GLU A 270 21.03 5.84 -6.48
N GLN A 271 20.11 6.01 -5.52
CA GLN A 271 19.12 7.09 -5.49
C GLN A 271 19.59 8.36 -4.82
N LEU A 272 20.46 8.17 -3.83
CA LEU A 272 20.91 9.24 -3.00
C LEU A 272 22.11 9.87 -3.73
N SER A 273 21.92 10.14 -5.03
CA SER A 273 22.88 10.68 -6.00
C SER A 273 22.06 11.16 -7.25
N ARG A 274 20.76 11.30 -7.01
CA ARG A 274 19.80 11.86 -7.92
C ARG A 274 19.36 12.92 -6.94
N THR A 275 19.22 14.14 -7.45
CA THR A 275 18.73 15.15 -6.58
C THR A 275 17.33 15.63 -6.94
N PRO A 276 16.48 15.59 -5.82
CA PRO A 276 15.03 15.57 -5.78
C PRO A 276 14.44 16.56 -6.70
N ARG A 277 14.31 15.94 -7.88
CA ARG A 277 13.89 16.58 -9.11
C ARG A 277 12.45 17.08 -9.01
N PRO A 278 12.26 18.21 -8.40
CA PRO A 278 11.01 18.74 -7.85
C PRO A 278 9.73 17.98 -7.42
N ALA A 279 8.53 18.62 -7.39
CA ALA A 279 7.29 18.01 -6.86
C ALA A 279 5.89 18.10 -7.56
N PRO A 280 5.31 16.92 -7.84
CA PRO A 280 3.98 16.77 -8.38
C PRO A 280 2.86 17.49 -7.62
N THR A 281 1.70 17.51 -8.33
CA THR A 281 0.52 18.12 -7.76
C THR A 281 -0.61 17.12 -7.92
N LEU A 282 -1.23 16.65 -6.83
CA LEU A 282 -2.43 15.89 -7.05
C LEU A 282 -3.57 16.92 -7.15
N GLN A 283 -4.46 16.83 -8.13
CA GLN A 283 -5.74 17.53 -8.20
C GLN A 283 -6.73 16.36 -8.24
N LEU A 284 -7.92 16.64 -7.76
CA LEU A 284 -8.96 15.66 -7.66
C LEU A 284 -10.11 16.56 -8.01
N ASN A 285 -10.93 15.92 -8.83
CA ASN A 285 -12.14 16.58 -9.35
C ASN A 285 -13.15 17.31 -8.35
N PRO A 286 -13.38 18.63 -8.52
CA PRO A 286 -14.23 19.46 -7.67
C PRO A 286 -15.65 18.94 -7.65
N ASP A 287 -16.02 18.45 -8.80
CA ASP A 287 -17.34 17.93 -9.04
C ASP A 287 -17.61 16.61 -8.30
N LYS A 288 -16.69 15.67 -8.15
CA LYS A 288 -17.03 14.54 -7.31
C LYS A 288 -16.55 14.86 -5.86
N HIS A 289 -17.52 14.78 -4.91
CA HIS A 289 -17.18 14.97 -3.48
C HIS A 289 -17.77 13.98 -2.51
N ASP A 290 -17.22 12.82 -2.74
CA ASP A 290 -17.40 11.67 -1.90
C ASP A 290 -15.88 11.33 -1.67
N ILE A 291 -15.59 10.12 -1.19
CA ILE A 291 -14.33 9.60 -1.56
C ILE A 291 -14.65 8.21 -2.03
N PHE A 292 -15.76 7.63 -1.62
CA PHE A 292 -15.94 6.22 -1.88
C PHE A 292 -16.09 5.78 -3.40
N ASP A 293 -17.06 6.24 -4.23
CA ASP A 293 -16.89 6.16 -5.72
C ASP A 293 -15.94 7.25 -6.32
N PHE A 294 -14.75 6.83 -6.70
CA PHE A 294 -13.90 7.72 -7.44
C PHE A 294 -13.44 6.93 -8.64
N ASP A 295 -13.91 7.16 -9.87
CA ASP A 295 -13.23 6.41 -10.89
C ASP A 295 -12.05 7.22 -11.33
N MET A 296 -10.98 6.43 -11.06
CA MET A 296 -9.60 6.50 -11.45
C MET A 296 -9.30 7.89 -11.91
N LYS A 297 -9.71 8.34 -13.07
CA LYS A 297 -9.47 9.70 -13.54
C LYS A 297 -10.38 10.75 -12.89
N ASP A 298 -10.32 11.01 -11.62
CA ASP A 298 -10.92 12.19 -11.04
C ASP A 298 -9.63 12.56 -10.30
N ILE A 299 -9.07 11.66 -9.50
CA ILE A 299 -7.79 11.95 -8.89
C ILE A 299 -6.78 11.81 -10.03
N LYS A 300 -6.16 12.97 -10.23
CA LYS A 300 -5.12 13.04 -11.22
C LYS A 300 -3.90 13.72 -10.64
N LEU A 301 -2.75 13.14 -10.93
CA LEU A 301 -1.50 13.77 -10.50
C LEU A 301 -0.75 14.30 -11.71
N LEU A 302 -0.73 15.66 -11.65
CA LEU A 302 -0.03 16.54 -12.55
C LEU A 302 1.52 16.42 -12.26
N ASN A 303 2.13 17.11 -13.23
CA ASN A 303 3.53 17.38 -13.47
C ASN A 303 4.59 16.52 -12.68
N TYR A 304 4.80 15.29 -13.23
CA TYR A 304 5.89 14.42 -12.77
C TYR A 304 6.98 14.31 -13.84
N ASP A 305 8.19 14.69 -13.38
CA ASP A 305 9.41 14.19 -14.06
C ASP A 305 10.32 13.49 -13.05
N PRO A 306 10.17 12.17 -12.94
CA PRO A 306 11.05 11.30 -12.19
C PRO A 306 12.40 11.14 -12.85
N TYR A 307 13.28 10.58 -12.03
CA TYR A 307 14.48 9.96 -12.53
C TYR A 307 14.08 8.63 -13.16
N PRO A 308 14.87 8.00 -14.00
CA PRO A 308 14.57 6.67 -14.51
C PRO A 308 14.36 5.67 -13.37
N ALA A 309 13.81 4.53 -13.71
CA ALA A 309 13.43 3.74 -12.58
C ALA A 309 14.35 2.52 -12.30
N ILE A 310 14.59 2.50 -11.01
CA ILE A 310 15.47 1.58 -10.39
C ILE A 310 14.67 0.35 -9.84
N LYS A 311 15.40 -0.72 -10.05
CA LYS A 311 14.80 -2.04 -10.12
C LYS A 311 15.22 -3.13 -9.12
N ALA A 312 14.27 -3.96 -8.63
CA ALA A 312 14.64 -5.03 -7.70
C ALA A 312 14.69 -6.48 -8.18
N PRO A 313 15.31 -7.42 -7.45
CA PRO A 313 14.91 -8.81 -7.52
C PRO A 313 13.81 -9.20 -6.49
N VAL A 314 13.33 -10.41 -6.81
CA VAL A 314 12.46 -11.27 -5.95
C VAL A 314 12.20 -11.11 -4.40
N ALA A 315 11.14 -10.30 -4.27
CA ALA A 315 10.57 -9.79 -3.01
C ALA A 315 10.25 -10.78 -1.89
N VAL A 316 9.59 -11.86 -2.32
CA VAL A 316 8.96 -12.87 -1.46
C VAL A 316 7.62 -12.24 -0.84
#